data_1V3H
#
_entry.id   1V3H
#
_cell.length_a   85.379
_cell.length_b   85.379
_cell.length_c   143.959
_cell.angle_alpha   90.00
_cell.angle_beta   90.00
_cell.angle_gamma   120.00
#
_symmetry.space_group_name_H-M   'P 31 2 1'
#
loop_
_entity.id
_entity.type
_entity.pdbx_description
1 polymer Beta-amylase
2 branched alpha-D-glucopyranose-(1-4)-alpha-D-glucopyranose-(1-4)-alpha-D-glucopyranose-(1-4)-alpha-D-glucopyranose-(1-4)-alpha-D-glucopyranose
3 non-polymer 'SULFATE ION'
4 water water
#
_entity_poly.entity_id   1
_entity_poly.type   'polypeptide(L)'
_entity_poly.pdbx_seq_one_letter_code
;ATSDSNMLLNYVPVYVMLPLGVVNVDNVFEDPDGLKEQLLQLRAAGVDGVMVDVWWGIIELKGPKQYDWRAYRSLLQLVQ
ECGLTLQAIMSFHQCGGNVGDIVNIPIPQWVLDIGESNHDIFYTNRSGTRNKEYLTVGVDNEPIFHGRTAIEIYSDYMKS
FRENMSDFLESGLIIDIEVGLGPAGQLRYPSYPQSQGWEFPGIGEFQCYDKYLKADFKAAVARAGHPEWELPDDAGKYND
VPESTGFFKSNGTYVTEKGKFFLTWYSNKLLNHGDQILDEANKAFLGCKVKLAIKVSGIHWWYKVENHAAELTAGYYNLN
DRDGYRPIARMLSRHHAILNFTCLEMRDSEQPSDAKSGPQELVQQVLSGGWREDIRVAGENALPRYDATAYNQIILNARP
QGVNNNGPPKLSMFGVTYLRLSDDLLQKSNFNIFKKFVLKMHADQDYCANPQKYNHAITPLKPSAPKIPIEVLLEATKPT
LPFPWLPETDMKVDG
;
_entity_poly.pdbx_strand_id   A
#
# COMPACT_ATOMS: atom_id res chain seq x y z
N SER A 5 21.17 -4.68 25.14
CA SER A 5 21.91 -4.55 23.88
C SER A 5 21.34 -5.42 22.77
N ASN A 6 21.40 -6.74 22.95
CA ASN A 6 20.86 -7.68 21.97
C ASN A 6 19.37 -7.47 21.75
N MET A 7 18.66 -7.14 22.82
CA MET A 7 17.23 -6.92 22.72
C MET A 7 16.90 -5.71 21.85
N LEU A 8 17.75 -4.68 21.92
CA LEU A 8 17.52 -3.48 21.13
C LEU A 8 17.62 -3.78 19.64
N LEU A 9 18.42 -4.78 19.27
CA LEU A 9 18.57 -5.14 17.87
C LEU A 9 17.30 -5.84 17.37
N ASN A 10 16.38 -6.12 18.30
CA ASN A 10 15.11 -6.78 17.98
C ASN A 10 13.97 -5.75 17.87
N TYR A 11 14.30 -4.50 18.12
CA TYR A 11 13.35 -3.38 18.09
C TYR A 11 12.73 -3.15 16.70
N VAL A 12 11.39 -3.12 16.66
CA VAL A 12 10.67 -2.86 15.42
C VAL A 12 9.90 -1.57 15.68
N PRO A 13 10.18 -0.52 14.90
CA PRO A 13 9.48 0.76 15.10
C PRO A 13 7.98 0.73 14.84
N VAL A 14 7.26 1.57 15.58
CA VAL A 14 5.82 1.67 15.47
C VAL A 14 5.43 3.09 15.07
N TYR A 15 4.57 3.20 14.08
CA TYR A 15 4.09 4.49 13.60
C TYR A 15 2.57 4.48 13.75
N VAL A 16 1.98 5.67 13.78
CA VAL A 16 0.54 5.79 13.90
C VAL A 16 0.00 6.72 12.81
N MET A 17 -1.02 6.26 12.10
CA MET A 17 -1.62 7.07 11.04
C MET A 17 -2.39 8.23 11.66
N LEU A 18 -2.25 9.41 11.08
CA LEU A 18 -2.96 10.58 11.57
C LEU A 18 -4.41 10.50 11.09
N PRO A 19 -5.29 11.28 11.71
CA PRO A 19 -6.70 11.26 11.31
C PRO A 19 -6.85 11.74 9.87
N LEU A 20 -7.79 11.16 9.13
CA LEU A 20 -8.01 11.59 7.76
C LEU A 20 -8.55 13.01 7.81
N GLY A 21 -8.03 13.88 6.94
CA GLY A 21 -8.50 15.24 6.91
C GLY A 21 -7.82 16.20 7.87
N VAL A 22 -6.71 15.78 8.49
CA VAL A 22 -6.00 16.66 9.42
C VAL A 22 -5.81 18.01 8.72
N VAL A 23 -5.56 17.97 7.42
CA VAL A 23 -5.47 19.18 6.59
C VAL A 23 -6.72 18.97 5.74
N ASN A 24 -7.67 19.90 5.82
CA ASN A 24 -8.92 19.73 5.07
C ASN A 24 -8.84 19.99 3.58
N VAL A 25 -9.95 19.71 2.89
CA VAL A 25 -10.04 19.86 1.44
C VAL A 25 -9.74 21.26 0.95
N ASP A 26 -9.83 22.25 1.83
CA ASP A 26 -9.55 23.64 1.46
C ASP A 26 -8.10 24.00 1.77
N ASN A 27 -7.31 22.97 2.09
CA ASN A 27 -5.90 23.14 2.41
C ASN A 27 -5.68 23.98 3.65
N VAL A 28 -6.43 23.66 4.70
CA VAL A 28 -6.32 24.36 5.97
C VAL A 28 -6.05 23.33 7.05
N PHE A 29 -5.05 23.61 7.88
CA PHE A 29 -4.70 22.73 8.99
C PHE A 29 -5.65 23.19 10.09
N GLU A 30 -6.84 22.60 10.10
CA GLU A 30 -7.92 22.93 11.04
C GLU A 30 -7.67 23.03 12.53
N ASP A 31 -7.23 21.95 13.14
CA ASP A 31 -7.05 21.94 14.59
C ASP A 31 -5.66 21.55 15.08
N PRO A 32 -4.70 22.48 15.01
CA PRO A 32 -3.33 22.20 15.46
C PRO A 32 -3.24 21.91 16.96
N ASP A 33 -3.98 22.66 17.77
CA ASP A 33 -3.96 22.45 19.20
C ASP A 33 -4.48 21.08 19.60
N GLY A 34 -5.56 20.65 18.95
CA GLY A 34 -6.11 19.34 19.24
C GLY A 34 -5.14 18.25 18.87
N LEU A 35 -4.56 18.36 17.68
CA LEU A 35 -3.62 17.37 17.19
C LEU A 35 -2.40 17.33 18.11
N LYS A 36 -1.90 18.50 18.50
CA LYS A 36 -0.74 18.57 19.38
C LYS A 36 -0.91 17.72 20.63
N GLU A 37 -2.06 17.87 21.31
CA GLU A 37 -2.30 17.09 22.52
C GLU A 37 -2.25 15.60 22.24
N GLN A 38 -2.80 15.19 21.11
CA GLN A 38 -2.80 13.77 20.73
C GLN A 38 -1.37 13.28 20.45
N LEU A 39 -0.62 14.06 19.69
CA LEU A 39 0.75 13.69 19.35
C LEU A 39 1.64 13.58 20.58
N LEU A 40 1.46 14.48 21.54
CA LEU A 40 2.26 14.43 22.76
C LEU A 40 1.96 13.15 23.52
N GLN A 41 0.71 12.68 23.45
CA GLN A 41 0.35 11.44 24.12
C GLN A 41 1.05 10.27 23.43
N LEU A 42 1.15 10.33 22.11
CA LEU A 42 1.81 9.26 21.36
C LEU A 42 3.31 9.26 21.69
N ARG A 43 3.88 10.46 21.80
CA ARG A 43 5.29 10.62 22.12
C ARG A 43 5.58 9.98 23.48
N ALA A 44 4.75 10.28 24.46
CA ALA A 44 4.93 9.72 25.81
C ALA A 44 4.73 8.21 25.80
N ALA A 45 3.90 7.72 24.89
CA ALA A 45 3.61 6.28 24.80
C ALA A 45 4.73 5.50 24.13
N GLY A 46 5.72 6.22 23.59
CA GLY A 46 6.84 5.56 22.94
C GLY A 46 6.76 5.36 21.44
N VAL A 47 5.69 5.87 20.82
CA VAL A 47 5.51 5.76 19.37
C VAL A 47 6.68 6.42 18.66
N ASP A 48 7.20 5.78 17.61
CA ASP A 48 8.34 6.35 16.89
C ASP A 48 7.97 7.49 15.94
N GLY A 49 6.87 7.34 15.22
CA GLY A 49 6.47 8.38 14.30
C GLY A 49 5.03 8.25 13.86
N VAL A 50 4.63 9.06 12.88
CA VAL A 50 3.28 9.03 12.37
C VAL A 50 3.27 8.99 10.84
N MET A 51 2.11 8.66 10.28
CA MET A 51 1.95 8.58 8.83
C MET A 51 0.83 9.52 8.43
N VAL A 52 0.98 10.19 7.29
CA VAL A 52 -0.07 11.09 6.83
C VAL A 52 -0.14 11.12 5.31
N ASP A 53 -1.36 11.30 4.80
CA ASP A 53 -1.62 11.42 3.38
C ASP A 53 -1.33 12.85 2.97
N VAL A 54 -0.54 13.03 1.92
CA VAL A 54 -0.27 14.36 1.39
C VAL A 54 -1.09 14.33 0.12
N TRP A 55 -2.35 14.70 0.26
CA TRP A 55 -3.35 14.66 -0.81
C TRP A 55 -3.12 15.53 -2.03
N TRP A 56 -2.98 14.87 -3.18
CA TRP A 56 -2.78 15.54 -4.45
C TRP A 56 -3.96 16.49 -4.72
N GLY A 57 -5.17 16.04 -4.42
CA GLY A 57 -6.36 16.84 -4.64
C GLY A 57 -6.44 18.10 -3.78
N ILE A 58 -5.62 18.16 -2.73
CA ILE A 58 -5.60 19.34 -1.88
C ILE A 58 -4.49 20.29 -2.34
N ILE A 59 -3.29 19.74 -2.49
CA ILE A 59 -2.11 20.49 -2.89
C ILE A 59 -2.14 21.16 -4.26
N GLU A 60 -2.48 20.40 -5.29
CA GLU A 60 -2.49 20.94 -6.65
C GLU A 60 -3.91 21.21 -7.16
N LEU A 61 -4.75 21.70 -6.26
CA LEU A 61 -6.14 21.98 -6.61
C LEU A 61 -6.37 23.12 -7.60
N LYS A 62 -5.68 24.25 -7.38
CA LYS A 62 -5.84 25.43 -8.22
C LYS A 62 -5.67 25.19 -9.72
N GLY A 63 -4.67 24.40 -10.09
CA GLY A 63 -4.42 24.12 -11.49
C GLY A 63 -3.06 23.45 -11.67
N PRO A 64 -2.66 23.14 -12.90
CA PRO A 64 -1.36 22.50 -13.14
C PRO A 64 -0.19 23.25 -12.51
N LYS A 65 0.59 22.53 -11.71
CA LYS A 65 1.76 23.08 -11.01
C LYS A 65 1.46 24.23 -10.06
N GLN A 66 0.19 24.37 -9.69
CA GLN A 66 -0.23 25.39 -8.74
C GLN A 66 -0.25 24.72 -7.37
N TYR A 67 0.94 24.52 -6.80
CA TYR A 67 1.04 23.84 -5.51
C TYR A 67 0.99 24.79 -4.32
N ASP A 68 0.29 24.39 -3.26
CA ASP A 68 0.24 25.17 -2.02
C ASP A 68 0.64 24.19 -0.92
N TRP A 69 1.87 24.33 -0.43
CA TRP A 69 2.41 23.45 0.60
C TRP A 69 2.35 24.03 2.01
N ARG A 70 1.78 25.22 2.15
CA ARG A 70 1.74 25.89 3.45
C ARG A 70 1.12 25.14 4.62
N ALA A 71 -0.10 24.63 4.44
CA ALA A 71 -0.76 23.92 5.54
C ALA A 71 0.04 22.68 5.94
N TYR A 72 0.58 21.95 4.96
CA TYR A 72 1.35 20.77 5.29
C TYR A 72 2.69 21.13 5.95
N ARG A 73 3.25 22.29 5.62
CA ARG A 73 4.49 22.69 6.27
C ARG A 73 4.19 22.91 7.75
N SER A 74 3.02 23.48 8.05
CA SER A 74 2.63 23.71 9.44
C SER A 74 2.43 22.38 10.17
N LEU A 75 1.88 21.39 9.46
CA LEU A 75 1.67 20.07 10.07
C LEU A 75 3.00 19.40 10.36
N LEU A 76 3.90 19.41 9.39
CA LEU A 76 5.21 18.80 9.59
C LEU A 76 5.97 19.48 10.72
N GLN A 77 5.83 20.80 10.82
CA GLN A 77 6.49 21.57 11.88
C GLN A 77 6.01 21.07 13.24
N LEU A 78 4.70 20.85 13.36
CA LEU A 78 4.14 20.38 14.63
C LEU A 78 4.63 18.96 14.96
N VAL A 79 4.64 18.09 13.96
CA VAL A 79 5.10 16.73 14.16
C VAL A 79 6.54 16.75 14.68
N GLN A 80 7.37 17.60 14.08
CA GLN A 80 8.76 17.72 14.49
C GLN A 80 8.86 18.21 15.94
N GLU A 81 8.05 19.21 16.28
CA GLU A 81 8.06 19.75 17.63
C GLU A 81 7.68 18.69 18.66
N CYS A 82 6.80 17.77 18.27
CA CYS A 82 6.36 16.73 19.18
C CYS A 82 7.30 15.52 19.23
N GLY A 83 8.45 15.64 18.58
CA GLY A 83 9.44 14.57 18.60
C GLY A 83 9.11 13.27 17.91
N LEU A 84 8.36 13.35 16.82
CA LEU A 84 7.95 12.18 16.06
C LEU A 84 8.50 12.27 14.64
N THR A 85 8.77 11.12 14.02
CA THR A 85 9.22 11.12 12.64
C THR A 85 7.97 11.00 11.78
N LEU A 86 8.13 11.07 10.46
CA LEU A 86 6.98 11.03 9.58
C LEU A 86 7.12 10.15 8.35
N GLN A 87 6.04 9.44 8.02
CA GLN A 87 5.98 8.63 6.82
C GLN A 87 5.01 9.44 5.96
N ALA A 88 5.51 10.03 4.87
CA ALA A 88 4.68 10.87 4.01
C ALA A 88 4.18 10.12 2.79
N ILE A 89 2.85 10.04 2.65
CA ILE A 89 2.28 9.36 1.50
C ILE A 89 2.01 10.35 0.36
N MET A 90 2.52 10.04 -0.83
CA MET A 90 2.25 10.88 -1.99
C MET A 90 0.91 10.29 -2.44
N SER A 91 -0.18 10.89 -1.94
CA SER A 91 -1.52 10.39 -2.21
C SER A 91 -2.18 10.94 -3.46
N PHE A 92 -2.01 10.21 -4.55
CA PHE A 92 -2.57 10.58 -5.85
C PHE A 92 -3.93 9.94 -6.06
N HIS A 93 -4.65 9.75 -4.96
CA HIS A 93 -5.97 9.13 -5.02
C HIS A 93 -7.01 9.90 -4.23
N GLN A 94 -8.26 9.46 -4.37
CA GLN A 94 -9.38 10.07 -3.68
C GLN A 94 -9.66 9.39 -2.35
N CYS A 95 -10.08 10.18 -1.37
CA CYS A 95 -10.46 9.65 -0.07
C CYS A 95 -11.98 9.74 -0.06
N GLY A 96 -12.66 8.68 0.35
CA GLY A 96 -14.11 8.73 0.40
C GLY A 96 -14.91 7.48 0.11
N GLY A 97 -14.50 6.69 -0.86
CA GLY A 97 -15.25 5.49 -1.20
C GLY A 97 -14.73 4.17 -0.66
N ASN A 98 -13.67 4.20 0.13
CA ASN A 98 -13.13 2.97 0.69
C ASN A 98 -13.39 2.84 2.19
N VAL A 99 -13.27 1.63 2.70
CA VAL A 99 -13.52 1.37 4.12
C VAL A 99 -12.85 2.38 5.05
N GLY A 100 -13.64 2.94 5.96
CA GLY A 100 -13.12 3.90 6.92
C GLY A 100 -12.99 5.35 6.48
N ASP A 101 -13.15 5.62 5.18
CA ASP A 101 -13.03 6.99 4.69
C ASP A 101 -14.19 7.85 5.18
N ILE A 102 -13.94 8.67 6.19
CA ILE A 102 -14.97 9.54 6.76
C ILE A 102 -14.89 10.99 6.26
N VAL A 103 -14.03 11.24 5.27
CA VAL A 103 -13.89 12.56 4.70
C VAL A 103 -13.77 12.39 3.19
N ASN A 104 -14.34 13.32 2.43
CA ASN A 104 -14.28 13.26 0.98
C ASN A 104 -13.22 14.21 0.44
N ILE A 105 -12.20 13.62 -0.20
CA ILE A 105 -11.11 14.39 -0.79
C ILE A 105 -10.86 13.85 -2.19
N PRO A 106 -11.43 14.49 -3.22
CA PRO A 106 -11.23 14.02 -4.58
C PRO A 106 -9.88 14.44 -5.16
N ILE A 107 -9.57 13.94 -6.34
CA ILE A 107 -8.33 14.33 -7.00
C ILE A 107 -8.62 15.74 -7.51
N PRO A 108 -7.60 16.47 -7.99
CA PRO A 108 -7.80 17.84 -8.50
C PRO A 108 -8.98 18.02 -9.45
N GLN A 109 -9.76 19.08 -9.22
CA GLN A 109 -10.91 19.36 -10.06
C GLN A 109 -10.52 19.58 -11.51
N TRP A 110 -9.35 20.20 -11.76
CA TRP A 110 -8.94 20.44 -13.13
C TRP A 110 -8.69 19.12 -13.87
N VAL A 111 -8.38 18.06 -13.13
CA VAL A 111 -8.16 16.75 -13.73
C VAL A 111 -9.53 16.15 -14.02
N LEU A 112 -10.45 16.33 -13.07
CA LEU A 112 -11.81 15.82 -13.24
C LEU A 112 -12.50 16.52 -14.41
N ASP A 113 -12.14 17.79 -14.64
CA ASP A 113 -12.72 18.52 -15.76
C ASP A 113 -12.31 17.85 -17.07
N ILE A 114 -11.05 17.43 -17.14
CA ILE A 114 -10.56 16.75 -18.33
C ILE A 114 -11.29 15.41 -18.46
N GLY A 115 -11.57 14.79 -17.31
CA GLY A 115 -12.27 13.52 -17.31
C GLY A 115 -13.68 13.63 -17.87
N GLU A 116 -14.26 14.83 -17.80
CA GLU A 116 -15.59 15.04 -18.33
C GLU A 116 -15.60 14.93 -19.85
N SER A 117 -14.50 15.32 -20.48
CA SER A 117 -14.38 15.25 -21.92
C SER A 117 -13.72 13.95 -22.38
N ASN A 118 -13.06 13.27 -21.46
CA ASN A 118 -12.39 12.01 -21.76
C ASN A 118 -12.61 11.08 -20.57
N HIS A 119 -13.75 10.38 -20.59
CA HIS A 119 -14.11 9.47 -19.51
C HIS A 119 -13.16 8.29 -19.37
N ASP A 120 -12.33 8.06 -20.38
CA ASP A 120 -11.41 6.94 -20.36
C ASP A 120 -10.14 7.14 -19.53
N ILE A 121 -10.05 8.24 -18.78
CA ILE A 121 -8.88 8.46 -17.93
C ILE A 121 -9.12 7.77 -16.60
N PHE A 122 -10.32 7.20 -16.42
CA PHE A 122 -10.70 6.52 -15.19
C PHE A 122 -10.80 5.01 -15.37
N TYR A 123 -10.48 4.26 -14.31
CA TYR A 123 -10.62 2.81 -14.37
C TYR A 123 -12.09 2.53 -14.67
N THR A 124 -12.33 1.61 -15.60
CA THR A 124 -13.69 1.28 -16.03
C THR A 124 -13.95 -0.22 -16.00
N ASN A 125 -15.14 -0.61 -15.55
CA ASN A 125 -15.49 -2.02 -15.50
C ASN A 125 -16.24 -2.39 -16.78
N ARG A 126 -16.57 -3.67 -16.94
CA ARG A 126 -17.25 -4.14 -18.14
C ARG A 126 -18.56 -3.40 -18.45
N SER A 127 -19.31 -3.07 -17.40
CA SER A 127 -20.58 -2.36 -17.55
C SER A 127 -20.40 -0.93 -18.04
N GLY A 128 -19.18 -0.41 -17.94
CA GLY A 128 -18.91 0.94 -18.38
C GLY A 128 -18.87 2.01 -17.31
N THR A 129 -18.95 1.60 -16.05
CA THR A 129 -18.92 2.56 -14.95
C THR A 129 -17.51 3.13 -14.77
N ARG A 130 -17.44 4.43 -14.58
CA ARG A 130 -16.16 5.12 -14.42
C ARG A 130 -15.88 5.39 -12.94
N ASN A 131 -14.75 4.92 -12.44
CA ASN A 131 -14.35 5.13 -11.06
C ASN A 131 -13.39 6.33 -11.07
N LYS A 132 -13.79 7.40 -10.39
CA LYS A 132 -12.99 8.62 -10.37
C LYS A 132 -11.97 8.76 -9.24
N GLU A 133 -11.67 7.67 -8.55
CA GLU A 133 -10.73 7.75 -7.41
C GLU A 133 -9.25 7.73 -7.78
N TYR A 134 -8.94 7.40 -9.03
CA TYR A 134 -7.54 7.32 -9.46
C TYR A 134 -7.47 7.26 -10.99
N LEU A 135 -6.39 7.77 -11.57
CA LEU A 135 -6.23 7.75 -13.02
C LEU A 135 -5.75 6.38 -13.48
N THR A 136 -6.41 5.82 -14.48
CA THR A 136 -6.04 4.50 -14.99
C THR A 136 -4.58 4.43 -15.43
N VAL A 137 -3.98 3.27 -15.23
CA VAL A 137 -2.60 3.05 -15.64
C VAL A 137 -2.53 3.30 -17.14
N GLY A 138 -3.68 3.18 -17.80
CA GLY A 138 -3.75 3.40 -19.23
C GLY A 138 -3.28 4.76 -19.70
N VAL A 139 -3.36 5.77 -18.85
CA VAL A 139 -2.93 7.12 -19.24
C VAL A 139 -1.62 7.55 -18.57
N ASP A 140 -0.89 6.59 -18.01
CA ASP A 140 0.39 6.87 -17.36
C ASP A 140 1.30 7.69 -18.27
N ASN A 141 1.34 7.30 -19.54
CA ASN A 141 2.21 7.98 -20.51
C ASN A 141 1.48 8.66 -21.67
N GLU A 142 0.23 9.05 -21.42
CA GLU A 142 -0.57 9.75 -22.43
C GLU A 142 -0.50 11.24 -22.05
N PRO A 143 0.06 12.08 -22.93
CA PRO A 143 0.19 13.52 -22.68
C PRO A 143 -1.11 14.28 -22.88
N ILE A 144 -2.13 13.91 -22.12
CA ILE A 144 -3.46 14.50 -22.25
C ILE A 144 -3.90 15.44 -21.13
N PHE A 145 -3.01 15.72 -20.19
CA PHE A 145 -3.35 16.61 -19.09
C PHE A 145 -2.61 17.93 -19.28
N HIS A 146 -3.18 18.76 -20.15
CA HIS A 146 -2.60 20.05 -20.48
C HIS A 146 -1.13 19.87 -20.85
N GLY A 147 -0.87 18.86 -21.68
CA GLY A 147 0.48 18.59 -22.15
C GLY A 147 1.28 17.58 -21.36
N ARG A 148 0.87 17.31 -20.12
CA ARG A 148 1.58 16.35 -19.29
C ARG A 148 0.91 14.98 -19.25
N THR A 149 1.71 13.95 -18.97
CA THR A 149 1.20 12.59 -18.84
C THR A 149 0.89 12.44 -17.35
N ALA A 150 0.21 11.36 -16.97
CA ALA A 150 -0.10 11.15 -15.56
C ALA A 150 1.19 10.96 -14.75
N ILE A 151 2.14 10.19 -15.28
CA ILE A 151 3.38 9.98 -14.56
C ILE A 151 4.16 11.29 -14.39
N GLU A 152 4.09 12.18 -15.38
CA GLU A 152 4.79 13.46 -15.25
C GLU A 152 4.14 14.28 -14.14
N ILE A 153 2.83 14.17 -14.00
CA ILE A 153 2.12 14.89 -12.93
C ILE A 153 2.65 14.39 -11.59
N TYR A 154 2.73 13.07 -11.44
CA TYR A 154 3.21 12.48 -10.19
C TYR A 154 4.66 12.89 -9.94
N SER A 155 5.47 12.85 -10.99
CA SER A 155 6.88 13.21 -10.87
C SER A 155 7.04 14.67 -10.43
N ASP A 156 6.35 15.58 -11.10
CA ASP A 156 6.46 16.99 -10.76
C ASP A 156 6.02 17.26 -9.32
N TYR A 157 4.98 16.55 -8.89
CA TYR A 157 4.44 16.69 -7.54
C TYR A 157 5.50 16.30 -6.51
N MET A 158 6.11 15.14 -6.70
CA MET A 158 7.13 14.66 -5.77
C MET A 158 8.36 15.58 -5.76
N LYS A 159 8.74 16.09 -6.93
CA LYS A 159 9.89 16.98 -6.99
C LYS A 159 9.58 18.26 -6.22
N SER A 160 8.37 18.79 -6.40
CA SER A 160 7.98 20.01 -5.70
C SER A 160 7.95 19.77 -4.19
N PHE A 161 7.50 18.59 -3.78
CA PHE A 161 7.44 18.24 -2.37
C PHE A 161 8.87 18.21 -1.80
N ARG A 162 9.75 17.53 -2.51
CA ARG A 162 11.14 17.40 -2.08
C ARG A 162 11.82 18.76 -1.90
N GLU A 163 11.58 19.67 -2.83
CA GLU A 163 12.19 20.99 -2.74
C GLU A 163 11.54 21.88 -1.67
N ASN A 164 10.23 21.92 -1.64
CA ASN A 164 9.54 22.77 -0.67
C ASN A 164 9.62 22.26 0.78
N MET A 165 9.91 20.98 0.96
CA MET A 165 10.04 20.40 2.29
C MET A 165 11.52 20.04 2.53
N SER A 166 12.41 20.68 1.78
CA SER A 166 13.84 20.41 1.88
C SER A 166 14.43 20.48 3.28
N ASP A 167 13.96 21.44 4.08
CA ASP A 167 14.48 21.59 5.43
C ASP A 167 14.09 20.41 6.31
N PHE A 168 12.83 19.97 6.24
CA PHE A 168 12.39 18.83 7.03
C PHE A 168 13.09 17.56 6.59
N LEU A 169 13.35 17.44 5.30
CA LEU A 169 14.03 16.25 4.79
C LEU A 169 15.48 16.23 5.26
N GLU A 170 16.13 17.39 5.24
CA GLU A 170 17.52 17.49 5.66
C GLU A 170 17.70 17.21 7.15
N SER A 171 16.71 17.61 7.96
CA SER A 171 16.78 17.41 9.40
C SER A 171 16.42 15.98 9.81
N GLY A 172 15.94 15.19 8.84
CA GLY A 172 15.60 13.80 9.14
C GLY A 172 14.21 13.56 9.68
N LEU A 173 13.30 14.50 9.48
CA LEU A 173 11.93 14.34 9.97
C LEU A 173 11.19 13.21 9.25
N ILE A 174 11.44 13.09 7.95
CA ILE A 174 10.76 12.08 7.15
C ILE A 174 11.53 10.77 7.02
N ILE A 175 10.94 9.70 7.53
CA ILE A 175 11.55 8.37 7.52
C ILE A 175 11.42 7.72 6.14
N ASP A 176 10.24 7.80 5.55
CA ASP A 176 10.05 7.23 4.22
C ASP A 176 8.96 7.95 3.45
N ILE A 177 9.02 7.81 2.13
CA ILE A 177 8.04 8.38 1.23
C ILE A 177 7.24 7.20 0.69
N GLU A 178 5.96 7.16 1.04
CA GLU A 178 5.07 6.08 0.59
C GLU A 178 4.52 6.58 -0.75
N VAL A 179 4.96 5.97 -1.83
CA VAL A 179 4.53 6.38 -3.16
C VAL A 179 3.18 5.78 -3.54
N GLY A 180 2.14 6.62 -3.54
CA GLY A 180 0.81 6.16 -3.90
C GLY A 180 0.77 5.66 -5.33
N LEU A 181 0.21 4.48 -5.54
CA LEU A 181 0.17 3.88 -6.87
C LEU A 181 -1.21 3.43 -7.36
N GLY A 182 -2.25 3.86 -6.66
CA GLY A 182 -3.59 3.48 -7.06
C GLY A 182 -4.59 3.79 -5.96
N PRO A 183 -5.79 3.18 -6.03
CA PRO A 183 -6.84 3.38 -5.03
C PRO A 183 -6.30 3.15 -3.63
N ALA A 184 -6.67 4.03 -2.70
CA ALA A 184 -6.23 3.94 -1.31
C ALA A 184 -4.70 3.96 -1.22
N GLY A 185 -4.07 4.50 -2.26
CA GLY A 185 -2.62 4.61 -2.34
C GLY A 185 -1.92 3.30 -2.67
N GLN A 186 -2.70 2.26 -2.90
CA GLN A 186 -2.14 0.94 -3.16
C GLN A 186 -1.95 0.56 -4.63
N LEU A 187 -0.92 -0.25 -4.89
CA LEU A 187 -0.64 -0.72 -6.24
C LEU A 187 -1.66 -1.83 -6.50
N ARG A 188 -2.81 -1.43 -7.03
CA ARG A 188 -3.89 -2.38 -7.29
C ARG A 188 -4.94 -1.73 -8.18
N TYR A 189 -5.86 -2.54 -8.68
CA TYR A 189 -6.97 -2.05 -9.48
C TYR A 189 -8.12 -1.88 -8.48
N PRO A 190 -9.07 -1.01 -8.79
CA PRO A 190 -10.21 -0.79 -7.88
C PRO A 190 -11.27 -1.87 -8.14
N SER A 191 -10.90 -3.12 -7.89
CA SER A 191 -11.78 -4.26 -8.14
C SER A 191 -12.89 -4.49 -7.13
N TYR A 192 -12.80 -3.86 -5.97
CA TYR A 192 -13.84 -4.01 -4.94
C TYR A 192 -14.31 -2.63 -4.46
N PRO A 193 -14.95 -1.88 -5.36
CA PRO A 193 -15.46 -0.53 -5.06
C PRO A 193 -16.78 -0.49 -4.29
N GLN A 194 -16.73 -0.02 -3.05
CA GLN A 194 -17.94 0.13 -2.26
C GLN A 194 -18.83 1.13 -2.98
N SER A 195 -18.22 2.03 -3.73
CA SER A 195 -18.94 3.06 -4.47
C SER A 195 -19.81 2.51 -5.60
N GLN A 196 -19.61 1.25 -5.95
CA GLN A 196 -20.41 0.63 -7.01
C GLN A 196 -21.20 -0.57 -6.49
N GLY A 197 -21.35 -0.63 -5.16
CA GLY A 197 -22.13 -1.71 -4.57
C GLY A 197 -21.40 -2.96 -4.13
N TRP A 198 -20.08 -3.00 -4.30
CA TRP A 198 -19.35 -4.19 -3.87
C TRP A 198 -19.46 -4.37 -2.36
N GLU A 199 -19.62 -5.61 -1.94
CA GLU A 199 -19.71 -5.94 -0.53
C GLU A 199 -18.87 -7.18 -0.28
N PHE A 200 -18.07 -7.14 0.78
CA PHE A 200 -17.22 -8.26 1.16
C PHE A 200 -18.16 -9.45 1.37
N PRO A 201 -17.76 -10.65 0.92
CA PRO A 201 -16.53 -11.04 0.21
C PRO A 201 -16.69 -11.25 -1.29
N GLY A 202 -17.34 -10.32 -1.99
CA GLY A 202 -17.51 -10.46 -3.42
C GLY A 202 -16.18 -10.64 -4.15
N ILE A 203 -16.18 -11.41 -5.23
CA ILE A 203 -14.95 -11.62 -6.00
C ILE A 203 -14.42 -10.36 -6.66
N GLY A 204 -15.26 -9.35 -6.80
CA GLY A 204 -14.84 -8.12 -7.43
C GLY A 204 -14.89 -8.22 -8.94
N GLU A 205 -14.41 -7.18 -9.64
CA GLU A 205 -14.42 -7.17 -11.11
C GLU A 205 -13.14 -6.60 -11.71
N PHE A 206 -12.80 -7.10 -12.90
CA PHE A 206 -11.63 -6.62 -13.63
C PHE A 206 -11.91 -5.18 -14.02
N GLN A 207 -10.88 -4.34 -13.94
CA GLN A 207 -11.02 -2.91 -14.23
C GLN A 207 -10.15 -2.44 -15.37
N CYS A 208 -10.19 -3.17 -16.48
CA CYS A 208 -9.36 -2.85 -17.64
C CYS A 208 -10.16 -2.53 -18.89
N TYR A 209 -11.35 -1.97 -18.73
CA TYR A 209 -12.17 -1.68 -19.89
C TYR A 209 -12.10 -0.25 -20.45
N ASP A 210 -11.25 0.60 -19.87
CA ASP A 210 -11.13 1.95 -20.42
C ASP A 210 -10.50 1.77 -21.80
N LYS A 211 -10.73 2.70 -22.71
CA LYS A 211 -10.22 2.55 -24.07
C LYS A 211 -8.72 2.35 -24.23
N TYR A 212 -7.94 2.92 -23.31
CA TYR A 212 -6.49 2.78 -23.39
C TYR A 212 -6.05 1.36 -23.06
N LEU A 213 -6.50 0.83 -21.93
CA LEU A 213 -6.14 -0.53 -21.54
C LEU A 213 -6.72 -1.54 -22.52
N LYS A 214 -7.95 -1.32 -22.96
CA LYS A 214 -8.59 -2.24 -23.90
C LYS A 214 -7.78 -2.32 -25.21
N ALA A 215 -7.34 -1.16 -25.71
CA ALA A 215 -6.55 -1.13 -26.94
C ALA A 215 -5.20 -1.80 -26.73
N ASP A 216 -4.62 -1.58 -25.55
CA ASP A 216 -3.33 -2.16 -25.16
C ASP A 216 -3.46 -3.69 -25.19
N PHE A 217 -4.52 -4.18 -24.57
CA PHE A 217 -4.79 -5.62 -24.53
C PHE A 217 -4.98 -6.18 -25.93
N LYS A 218 -5.81 -5.52 -26.73
CA LYS A 218 -6.06 -5.99 -28.10
C LYS A 218 -4.81 -6.07 -28.94
N ALA A 219 -3.91 -5.11 -28.78
CA ALA A 219 -2.67 -5.12 -29.54
C ALA A 219 -1.80 -6.28 -29.05
N ALA A 220 -1.82 -6.51 -27.74
CA ALA A 220 -1.04 -7.59 -27.15
C ALA A 220 -1.49 -8.95 -27.63
N VAL A 221 -2.79 -9.21 -27.64
CA VAL A 221 -3.27 -10.51 -28.09
C VAL A 221 -2.99 -10.72 -29.57
N ALA A 222 -3.01 -9.65 -30.36
CA ALA A 222 -2.72 -9.76 -31.78
C ALA A 222 -1.26 -10.19 -31.95
N ARG A 223 -0.36 -9.59 -31.17
CA ARG A 223 1.05 -9.93 -31.26
C ARG A 223 1.28 -11.37 -30.79
N ALA A 224 0.37 -11.89 -29.98
CA ALA A 224 0.48 -13.26 -29.49
C ALA A 224 -0.10 -14.25 -30.50
N GLY A 225 -0.63 -13.74 -31.60
CA GLY A 225 -1.20 -14.60 -32.62
C GLY A 225 -2.68 -14.90 -32.44
N HIS A 226 -3.33 -14.16 -31.56
CA HIS A 226 -4.74 -14.35 -31.29
C HIS A 226 -5.47 -13.00 -31.25
N PRO A 227 -5.52 -12.31 -32.38
CA PRO A 227 -6.17 -11.00 -32.48
C PRO A 227 -7.66 -11.01 -32.12
N GLU A 228 -8.30 -12.16 -32.20
CA GLU A 228 -9.73 -12.26 -31.91
C GLU A 228 -10.07 -12.32 -30.43
N TRP A 229 -9.06 -12.55 -29.58
CA TRP A 229 -9.29 -12.62 -28.14
C TRP A 229 -9.84 -11.31 -27.61
N GLU A 230 -10.86 -11.42 -26.76
CA GLU A 230 -11.49 -10.25 -26.15
C GLU A 230 -11.29 -10.32 -24.64
N LEU A 231 -11.53 -9.20 -23.96
CA LEU A 231 -11.38 -9.15 -22.51
C LEU A 231 -12.42 -10.10 -21.91
N PRO A 232 -12.17 -10.59 -20.68
CA PRO A 232 -13.11 -11.52 -20.03
C PRO A 232 -14.56 -11.08 -20.10
N ASP A 233 -15.43 -11.99 -20.51
CA ASP A 233 -16.85 -11.70 -20.62
C ASP A 233 -17.67 -12.72 -19.82
N ASP A 234 -16.97 -13.55 -19.05
CA ASP A 234 -17.64 -14.58 -18.24
C ASP A 234 -17.14 -14.58 -16.80
N ALA A 235 -16.67 -13.42 -16.33
CA ALA A 235 -16.14 -13.29 -14.97
C ALA A 235 -17.18 -12.85 -13.94
N GLY A 236 -18.43 -12.72 -14.36
CA GLY A 236 -19.48 -12.33 -13.43
C GLY A 236 -19.42 -10.89 -12.96
N LYS A 237 -20.00 -10.63 -11.79
CA LYS A 237 -20.04 -9.29 -11.23
C LYS A 237 -19.45 -9.19 -9.82
N TYR A 238 -19.28 -7.95 -9.36
CA TYR A 238 -18.71 -7.66 -8.05
C TYR A 238 -19.02 -8.60 -6.88
N ASN A 239 -20.30 -8.85 -6.66
CA ASN A 239 -20.72 -9.68 -5.53
C ASN A 239 -20.93 -11.17 -5.76
N ASP A 240 -20.43 -11.69 -6.87
CA ASP A 240 -20.56 -13.11 -7.17
C ASP A 240 -19.51 -13.92 -6.41
N VAL A 241 -19.69 -15.23 -6.40
CA VAL A 241 -18.74 -16.13 -5.78
C VAL A 241 -18.08 -16.77 -7.01
N PRO A 242 -16.84 -17.23 -6.88
CA PRO A 242 -16.15 -17.83 -8.04
C PRO A 242 -16.84 -18.97 -8.80
N GLU A 243 -17.48 -19.88 -8.09
CA GLU A 243 -18.13 -21.01 -8.73
C GLU A 243 -19.31 -20.64 -9.63
N SER A 244 -19.81 -19.41 -9.50
CA SER A 244 -20.94 -18.99 -10.31
C SER A 244 -20.50 -18.34 -11.63
N THR A 245 -19.20 -18.31 -11.85
CA THR A 245 -18.66 -17.69 -13.06
C THR A 245 -17.94 -18.67 -13.97
N GLY A 246 -17.99 -18.41 -15.28
CA GLY A 246 -17.31 -19.28 -16.21
C GLY A 246 -15.81 -19.05 -16.15
N PHE A 247 -15.41 -17.86 -15.73
CA PHE A 247 -14.00 -17.53 -15.65
C PHE A 247 -13.27 -18.17 -14.48
N PHE A 248 -13.88 -18.16 -13.31
CA PHE A 248 -13.23 -18.70 -12.11
C PHE A 248 -13.61 -20.10 -11.64
N LYS A 249 -14.59 -20.72 -12.28
CA LYS A 249 -14.99 -22.06 -11.88
C LYS A 249 -13.86 -23.04 -12.21
N SER A 250 -13.93 -24.24 -11.64
CA SER A 250 -12.92 -25.27 -11.89
C SER A 250 -12.84 -25.51 -13.40
N ASN A 251 -11.61 -25.61 -13.90
CA ASN A 251 -11.34 -25.81 -15.32
C ASN A 251 -11.91 -24.66 -16.15
N GLY A 252 -12.17 -23.54 -15.47
CA GLY A 252 -12.73 -22.37 -16.12
C GLY A 252 -11.78 -21.62 -17.03
N THR A 253 -12.24 -20.48 -17.53
CA THR A 253 -11.43 -19.68 -18.44
C THR A 253 -10.08 -19.23 -17.87
N TYR A 254 -9.98 -19.06 -16.56
CA TYR A 254 -8.73 -18.59 -15.99
C TYR A 254 -7.54 -19.53 -16.21
N VAL A 255 -7.79 -20.80 -16.51
CA VAL A 255 -6.69 -21.73 -16.73
C VAL A 255 -6.45 -22.04 -18.20
N THR A 256 -7.23 -21.42 -19.09
CA THR A 256 -7.08 -21.61 -20.52
C THR A 256 -5.96 -20.69 -21.00
N GLU A 257 -5.45 -20.94 -22.21
CA GLU A 257 -4.38 -20.11 -22.75
C GLU A 257 -4.80 -18.65 -22.78
N LYS A 258 -6.05 -18.41 -23.20
CA LYS A 258 -6.60 -17.06 -23.28
C LYS A 258 -6.67 -16.39 -21.91
N GLY A 259 -7.18 -17.12 -20.92
CA GLY A 259 -7.29 -16.58 -19.59
C GLY A 259 -5.94 -16.28 -18.96
N LYS A 260 -5.00 -17.20 -19.12
CA LYS A 260 -3.66 -17.01 -18.56
C LYS A 260 -2.97 -15.82 -19.20
N PHE A 261 -3.15 -15.65 -20.51
CA PHE A 261 -2.54 -14.52 -21.20
C PHE A 261 -3.11 -13.22 -20.64
N PHE A 262 -4.43 -13.17 -20.48
CA PHE A 262 -5.07 -11.97 -19.95
C PHE A 262 -4.58 -11.64 -18.55
N LEU A 263 -4.58 -12.63 -17.68
CA LEU A 263 -4.16 -12.43 -16.29
C LEU A 263 -2.72 -11.95 -16.20
N THR A 264 -1.87 -12.47 -17.08
CA THR A 264 -0.47 -12.06 -17.10
C THR A 264 -0.37 -10.60 -17.55
N TRP A 265 -1.11 -10.27 -18.61
CA TRP A 265 -1.12 -8.92 -19.16
C TRP A 265 -1.62 -7.92 -18.11
N TYR A 266 -2.74 -8.28 -17.47
CA TYR A 266 -3.40 -7.46 -16.46
C TYR A 266 -2.50 -7.18 -15.25
N SER A 267 -1.87 -8.22 -14.71
CA SER A 267 -0.99 -8.04 -13.56
C SER A 267 0.31 -7.35 -13.96
N ASN A 268 0.79 -7.60 -15.18
CA ASN A 268 2.02 -6.97 -15.65
C ASN A 268 1.86 -5.45 -15.69
N LYS A 269 0.66 -4.98 -16.02
CA LYS A 269 0.43 -3.54 -16.07
C LYS A 269 0.75 -2.88 -14.73
N LEU A 270 0.43 -3.55 -13.63
CA LEU A 270 0.71 -2.99 -12.31
C LEU A 270 2.20 -3.02 -12.00
N LEU A 271 2.87 -4.09 -12.40
CA LEU A 271 4.30 -4.19 -12.16
C LEU A 271 5.03 -3.03 -12.83
N ASN A 272 4.69 -2.76 -14.09
CA ASN A 272 5.34 -1.68 -14.81
C ASN A 272 4.90 -0.30 -14.35
N HIS A 273 3.65 -0.20 -13.89
CA HIS A 273 3.09 1.05 -13.38
C HIS A 273 3.92 1.46 -12.14
N GLY A 274 4.13 0.50 -11.24
CA GLY A 274 4.91 0.79 -10.05
C GLY A 274 6.37 1.05 -10.35
N ASP A 275 6.94 0.26 -11.27
CA ASP A 275 8.33 0.41 -11.63
C ASP A 275 8.61 1.80 -12.24
N GLN A 276 7.76 2.21 -13.17
CA GLN A 276 7.93 3.49 -13.84
C GLN A 276 7.76 4.69 -12.91
N ILE A 277 6.79 4.62 -12.01
CA ILE A 277 6.56 5.73 -11.09
C ILE A 277 7.66 5.76 -10.02
N LEU A 278 8.13 4.59 -9.60
CA LEU A 278 9.20 4.56 -8.62
C LEU A 278 10.47 5.15 -9.24
N ASP A 279 10.62 5.02 -10.56
CA ASP A 279 11.78 5.60 -11.24
C ASP A 279 11.74 7.10 -10.98
N GLU A 280 10.55 7.68 -11.10
CA GLU A 280 10.38 9.12 -10.89
C GLU A 280 10.56 9.50 -9.43
N ALA A 281 10.14 8.63 -8.52
CA ALA A 281 10.27 8.90 -7.10
C ALA A 281 11.74 8.91 -6.70
N ASN A 282 12.52 8.00 -7.29
CA ASN A 282 13.94 7.93 -6.99
C ASN A 282 14.63 9.20 -7.46
N LYS A 283 14.24 9.68 -8.65
CA LYS A 283 14.83 10.90 -9.19
C LYS A 283 14.47 12.09 -8.29
N ALA A 284 13.21 12.18 -7.90
CA ALA A 284 12.75 13.29 -7.08
C ALA A 284 13.43 13.38 -5.72
N PHE A 285 13.63 12.24 -5.07
CA PHE A 285 14.24 12.23 -3.75
C PHE A 285 15.70 11.81 -3.70
N LEU A 286 16.34 11.74 -4.86
CA LEU A 286 17.74 11.35 -4.95
C LEU A 286 18.60 12.14 -3.96
N GLY A 287 19.39 11.44 -3.15
CA GLY A 287 20.26 12.11 -2.21
C GLY A 287 19.63 12.43 -0.85
N CYS A 288 18.31 12.35 -0.77
CA CYS A 288 17.63 12.63 0.49
C CYS A 288 17.77 11.47 1.46
N LYS A 289 17.84 11.77 2.75
CA LYS A 289 17.95 10.75 3.77
C LYS A 289 16.55 10.23 4.08
N VAL A 290 16.01 9.47 3.12
CA VAL A 290 14.68 8.89 3.26
C VAL A 290 14.68 7.60 2.44
N LYS A 291 13.73 6.72 2.74
CA LYS A 291 13.60 5.47 2.00
C LYS A 291 12.28 5.55 1.24
N LEU A 292 12.18 4.79 0.16
CA LEU A 292 10.97 4.76 -0.63
C LEU A 292 10.18 3.52 -0.26
N ALA A 293 8.85 3.59 -0.38
CA ALA A 293 8.00 2.47 -0.07
C ALA A 293 6.75 2.50 -0.92
N ILE A 294 6.12 1.34 -1.09
CA ILE A 294 4.85 1.27 -1.80
C ILE A 294 3.92 0.45 -0.93
N LYS A 295 2.62 0.50 -1.24
CA LYS A 295 1.65 -0.25 -0.47
C LYS A 295 0.97 -1.29 -1.33
N VAL A 296 0.91 -2.52 -0.81
CA VAL A 296 0.24 -3.61 -1.50
C VAL A 296 -0.95 -3.99 -0.63
N SER A 297 -2.13 -4.05 -1.24
CA SER A 297 -3.35 -4.37 -0.50
C SER A 297 -3.43 -5.86 -0.15
N GLY A 298 -4.12 -6.15 0.95
CA GLY A 298 -4.27 -7.53 1.40
C GLY A 298 -5.62 -8.11 1.00
N ILE A 299 -5.64 -8.82 -0.12
CA ILE A 299 -6.88 -9.42 -0.61
C ILE A 299 -6.90 -10.87 -0.12
N HIS A 300 -7.37 -11.05 1.10
CA HIS A 300 -7.40 -12.35 1.75
C HIS A 300 -8.61 -13.22 1.45
N TRP A 301 -9.70 -12.64 0.96
CA TRP A 301 -10.87 -13.45 0.67
C TRP A 301 -10.64 -14.24 -0.63
N TRP A 302 -11.03 -15.51 -0.58
CA TRP A 302 -10.88 -16.48 -1.67
C TRP A 302 -9.44 -16.98 -1.81
N TYR A 303 -8.58 -16.57 -0.87
CA TYR A 303 -7.19 -17.00 -0.90
C TYR A 303 -7.14 -18.52 -0.69
N LYS A 304 -8.14 -19.05 0.01
CA LYS A 304 -8.18 -20.48 0.30
C LYS A 304 -8.80 -21.37 -0.77
N VAL A 305 -9.12 -20.80 -1.93
CA VAL A 305 -9.64 -21.61 -3.03
C VAL A 305 -8.69 -21.48 -4.22
N GLU A 306 -8.71 -22.50 -5.06
CA GLU A 306 -7.84 -22.58 -6.24
C GLU A 306 -7.68 -21.33 -7.09
N ASN A 307 -8.80 -20.68 -7.34
CA ASN A 307 -8.84 -19.51 -8.20
C ASN A 307 -8.35 -18.18 -7.65
N HIS A 308 -8.31 -18.04 -6.33
CA HIS A 308 -7.84 -16.77 -5.74
C HIS A 308 -8.52 -15.62 -6.50
N ALA A 309 -9.79 -15.79 -6.80
CA ALA A 309 -10.54 -14.81 -7.59
C ALA A 309 -10.37 -13.34 -7.24
N ALA A 310 -10.53 -12.98 -5.96
CA ALA A 310 -10.40 -11.59 -5.54
C ALA A 310 -9.01 -11.01 -5.77
N GLU A 311 -7.97 -11.82 -5.55
CA GLU A 311 -6.62 -11.34 -5.78
C GLU A 311 -6.44 -11.07 -7.27
N LEU A 312 -6.92 -12.01 -8.10
CA LEU A 312 -6.81 -11.84 -9.54
C LEU A 312 -7.51 -10.60 -10.07
N THR A 313 -8.72 -10.30 -9.63
CA THR A 313 -9.38 -9.10 -10.14
C THR A 313 -8.70 -7.84 -9.62
N ALA A 314 -8.02 -7.95 -8.48
CA ALA A 314 -7.30 -6.80 -7.91
C ALA A 314 -6.01 -6.54 -8.66
N GLY A 315 -5.56 -7.51 -9.45
CA GLY A 315 -4.32 -7.35 -10.20
C GLY A 315 -3.16 -8.16 -9.68
N TYR A 316 -3.40 -8.96 -8.65
CA TYR A 316 -2.36 -9.81 -8.08
C TYR A 316 -2.60 -11.20 -8.63
N TYR A 317 -1.82 -11.58 -9.64
CA TYR A 317 -1.96 -12.88 -10.28
C TYR A 317 -1.29 -13.94 -9.43
N ASN A 318 -1.92 -14.22 -8.29
CA ASN A 318 -1.43 -15.17 -7.31
C ASN A 318 -2.28 -16.42 -7.23
N LEU A 319 -1.66 -17.57 -7.48
CA LEU A 319 -2.34 -18.87 -7.42
C LEU A 319 -1.49 -19.81 -6.58
N ASN A 320 -1.98 -21.03 -6.34
CA ASN A 320 -1.22 -21.96 -5.52
C ASN A 320 0.07 -22.40 -6.21
N ASP A 321 0.13 -22.24 -7.53
CA ASP A 321 1.32 -22.62 -8.28
C ASP A 321 1.93 -21.46 -9.05
N ARG A 322 1.62 -20.23 -8.62
CA ARG A 322 2.16 -19.02 -9.24
C ARG A 322 2.18 -17.91 -8.19
N ASP A 323 3.38 -17.49 -7.80
CA ASP A 323 3.52 -16.44 -6.79
C ASP A 323 3.32 -15.08 -7.43
N GLY A 324 2.21 -14.43 -7.11
CA GLY A 324 1.93 -13.12 -7.69
C GLY A 324 2.46 -11.93 -6.91
N TYR A 325 3.12 -12.20 -5.78
CA TYR A 325 3.67 -11.12 -4.97
C TYR A 325 5.18 -11.01 -5.01
N ARG A 326 5.88 -12.14 -5.12
CA ARG A 326 7.34 -12.05 -5.15
C ARG A 326 7.84 -11.21 -6.33
N PRO A 327 7.11 -11.22 -7.48
CA PRO A 327 7.59 -10.41 -8.60
C PRO A 327 7.54 -8.92 -8.21
N ILE A 328 6.57 -8.56 -7.38
CA ILE A 328 6.46 -7.18 -6.92
C ILE A 328 7.67 -6.87 -6.03
N ALA A 329 8.00 -7.80 -5.14
CA ALA A 329 9.15 -7.61 -4.26
C ALA A 329 10.43 -7.48 -5.08
N ARG A 330 10.56 -8.30 -6.12
CA ARG A 330 11.75 -8.23 -6.96
C ARG A 330 11.83 -6.88 -7.68
N MET A 331 10.69 -6.38 -8.13
CA MET A 331 10.66 -5.08 -8.81
C MET A 331 11.10 -3.98 -7.84
N LEU A 332 10.71 -4.11 -6.59
CA LEU A 332 11.07 -3.11 -5.59
C LEU A 332 12.56 -3.10 -5.26
N SER A 333 13.22 -4.25 -5.41
CA SER A 333 14.63 -4.35 -5.10
C SER A 333 15.54 -3.35 -5.82
N ARG A 334 15.28 -3.09 -7.10
CA ARG A 334 16.13 -2.15 -7.83
C ARG A 334 15.96 -0.72 -7.33
N HIS A 335 14.86 -0.47 -6.62
CA HIS A 335 14.58 0.87 -6.09
C HIS A 335 14.94 0.92 -4.60
N HIS A 336 15.42 -0.20 -4.07
CA HIS A 336 15.77 -0.30 -2.66
C HIS A 336 14.57 0.14 -1.83
N ALA A 337 13.39 -0.18 -2.34
CA ALA A 337 12.13 0.20 -1.70
C ALA A 337 11.53 -0.82 -0.75
N ILE A 338 10.73 -0.30 0.17
CA ILE A 338 10.04 -1.09 1.19
C ILE A 338 8.68 -1.55 0.68
N LEU A 339 8.34 -2.81 0.93
CA LEU A 339 7.02 -3.33 0.55
C LEU A 339 6.20 -3.20 1.84
N ASN A 340 5.27 -2.24 1.84
CA ASN A 340 4.41 -2.01 3.00
C ASN A 340 3.15 -2.84 2.79
N PHE A 341 2.98 -3.89 3.58
CA PHE A 341 1.80 -4.74 3.43
C PHE A 341 0.71 -4.37 4.43
N THR A 342 -0.17 -5.33 4.73
CA THR A 342 -1.31 -5.05 5.59
C THR A 342 -1.88 -6.35 6.17
N CYS A 343 -3.05 -6.27 6.81
CA CYS A 343 -3.71 -7.43 7.42
C CYS A 343 -2.85 -8.07 8.52
N LEU A 344 -1.91 -7.30 9.07
CA LEU A 344 -1.03 -7.82 10.11
C LEU A 344 -1.72 -8.24 11.39
N GLU A 345 -2.95 -7.76 11.58
CA GLU A 345 -3.69 -8.05 12.79
C GLU A 345 -4.71 -9.16 12.66
N MET A 346 -4.96 -9.61 11.44
CA MET A 346 -5.97 -10.61 11.18
C MET A 346 -5.65 -12.07 11.40
N ARG A 347 -6.64 -12.81 11.90
CA ARG A 347 -6.52 -14.24 12.08
C ARG A 347 -7.66 -14.84 11.25
N ASP A 348 -7.39 -15.97 10.62
CA ASP A 348 -8.36 -16.64 9.76
C ASP A 348 -9.69 -16.91 10.45
N SER A 349 -9.63 -17.28 11.72
CA SER A 349 -10.83 -17.59 12.49
C SER A 349 -11.80 -16.42 12.66
N GLU A 350 -11.31 -15.21 12.41
CA GLU A 350 -12.14 -14.02 12.56
C GLU A 350 -12.94 -13.69 11.31
N GLN A 351 -12.65 -14.40 10.21
CA GLN A 351 -13.34 -14.16 8.96
C GLN A 351 -14.45 -15.20 8.77
N PRO A 352 -15.54 -14.80 8.08
CA PRO A 352 -16.64 -15.74 7.85
C PRO A 352 -16.17 -16.90 6.98
N SER A 353 -16.59 -18.10 7.32
CA SER A 353 -16.19 -19.30 6.58
C SER A 353 -16.48 -19.23 5.08
N ASP A 354 -17.60 -18.61 4.71
CA ASP A 354 -17.98 -18.51 3.30
C ASP A 354 -17.06 -17.62 2.48
N ALA A 355 -16.19 -16.87 3.14
CA ALA A 355 -15.28 -15.96 2.43
C ALA A 355 -13.99 -16.65 2.02
N LYS A 356 -13.77 -17.87 2.52
CA LYS A 356 -12.57 -18.64 2.21
C LYS A 356 -11.35 -17.74 2.36
N SER A 357 -11.29 -17.03 3.48
CA SER A 357 -10.23 -16.08 3.79
C SER A 357 -9.00 -16.65 4.48
N GLY A 358 -7.82 -16.27 3.98
CA GLY A 358 -6.58 -16.73 4.57
C GLY A 358 -5.60 -15.60 4.84
N PRO A 359 -5.99 -14.57 5.61
CA PRO A 359 -5.06 -13.47 5.88
C PRO A 359 -3.72 -13.90 6.51
N GLN A 360 -3.75 -14.87 7.41
CA GLN A 360 -2.52 -15.32 8.05
C GLN A 360 -1.54 -15.88 7.03
N GLU A 361 -2.04 -16.75 6.15
CA GLU A 361 -1.20 -17.36 5.14
C GLU A 361 -0.75 -16.36 4.09
N LEU A 362 -1.62 -15.41 3.75
CA LEU A 362 -1.30 -14.39 2.77
C LEU A 362 -0.15 -13.53 3.31
N VAL A 363 -0.26 -13.11 4.56
CA VAL A 363 0.79 -12.29 5.18
C VAL A 363 2.11 -13.08 5.17
N GLN A 364 2.03 -14.36 5.54
CA GLN A 364 3.23 -15.19 5.55
C GLN A 364 3.86 -15.27 4.16
N GLN A 365 3.03 -15.38 3.13
CA GLN A 365 3.53 -15.46 1.76
C GLN A 365 4.21 -14.18 1.33
N VAL A 366 3.53 -13.05 1.51
CA VAL A 366 4.06 -11.76 1.09
C VAL A 366 5.35 -11.38 1.83
N LEU A 367 5.35 -11.51 3.15
CA LEU A 367 6.54 -11.17 3.93
C LEU A 367 7.69 -12.08 3.55
N SER A 368 7.42 -13.37 3.42
CA SER A 368 8.46 -14.33 3.05
C SER A 368 9.05 -14.01 1.70
N GLY A 369 8.19 -13.62 0.75
CA GLY A 369 8.66 -13.28 -0.57
C GLY A 369 9.58 -12.08 -0.54
N GLY A 370 9.23 -11.09 0.27
CA GLY A 370 10.07 -9.91 0.39
C GLY A 370 11.42 -10.27 0.97
N TRP A 371 11.42 -11.06 2.03
CA TRP A 371 12.69 -11.45 2.63
C TRP A 371 13.51 -12.34 1.69
N ARG A 372 12.84 -13.19 0.93
CA ARG A 372 13.50 -14.06 -0.04
C ARG A 372 14.21 -13.21 -1.09
N GLU A 373 13.59 -12.09 -1.44
CA GLU A 373 14.14 -11.16 -2.44
C GLU A 373 15.08 -10.14 -1.83
N ASP A 374 15.35 -10.28 -0.54
CA ASP A 374 16.24 -9.38 0.19
C ASP A 374 15.82 -7.91 0.16
N ILE A 375 14.54 -7.65 0.42
CA ILE A 375 14.06 -6.27 0.50
C ILE A 375 13.43 -6.10 1.88
N ARG A 376 13.20 -4.86 2.28
CA ARG A 376 12.59 -4.57 3.57
C ARG A 376 11.08 -4.70 3.45
N VAL A 377 10.44 -5.25 4.49
CA VAL A 377 8.98 -5.40 4.46
C VAL A 377 8.37 -4.79 5.72
N ALA A 378 7.41 -3.90 5.53
CA ALA A 378 6.71 -3.25 6.65
C ALA A 378 5.23 -3.60 6.51
N GLY A 379 4.40 -3.07 7.39
CA GLY A 379 2.98 -3.38 7.26
C GLY A 379 2.08 -2.58 8.17
N GLU A 380 0.77 -2.74 7.98
CA GLU A 380 -0.25 -2.05 8.76
C GLU A 380 -1.35 -3.03 9.13
N ASN A 381 -2.22 -2.62 10.06
CA ASN A 381 -3.36 -3.45 10.41
C ASN A 381 -4.39 -2.99 9.38
N ALA A 382 -5.19 -3.92 8.85
CA ALA A 382 -6.18 -3.57 7.83
C ALA A 382 -7.40 -2.84 8.37
N LEU A 383 -7.87 -3.25 9.54
CA LEU A 383 -9.06 -2.65 10.13
C LEU A 383 -8.82 -2.18 11.56
N PRO A 384 -9.64 -1.24 12.04
CA PRO A 384 -9.49 -0.73 13.41
C PRO A 384 -9.62 -1.85 14.45
N ARG A 385 -8.64 -1.94 15.34
CA ARG A 385 -8.62 -2.95 16.39
C ARG A 385 -7.94 -2.34 17.62
N TYR A 386 -8.51 -2.60 18.80
CA TYR A 386 -7.96 -2.07 20.05
C TYR A 386 -7.68 -3.18 21.05
N ASP A 387 -7.94 -4.41 20.66
CA ASP A 387 -7.77 -5.57 21.55
C ASP A 387 -6.42 -6.27 21.51
N ALA A 388 -6.10 -6.95 22.61
CA ALA A 388 -4.85 -7.68 22.77
C ALA A 388 -4.66 -8.74 21.69
N THR A 389 -5.74 -9.41 21.31
CA THR A 389 -5.65 -10.45 20.28
C THR A 389 -5.03 -9.88 19.01
N ALA A 390 -5.52 -8.70 18.60
CA ALA A 390 -5.01 -8.05 17.40
C ALA A 390 -3.54 -7.67 17.55
N TYR A 391 -3.19 -7.02 18.66
CA TYR A 391 -1.82 -6.61 18.88
C TYR A 391 -0.86 -7.79 18.91
N ASN A 392 -1.27 -8.90 19.54
CA ASN A 392 -0.39 -10.06 19.59
C ASN A 392 -0.16 -10.64 18.20
N GLN A 393 -1.16 -10.57 17.33
CA GLN A 393 -1.00 -11.08 15.97
C GLN A 393 -0.04 -10.17 15.20
N ILE A 394 -0.13 -8.86 15.44
CA ILE A 394 0.77 -7.93 14.76
C ILE A 394 2.20 -8.18 15.23
N ILE A 395 2.38 -8.35 16.54
CA ILE A 395 3.70 -8.60 17.09
C ILE A 395 4.28 -9.91 16.56
N LEU A 396 3.41 -10.90 16.37
CA LEU A 396 3.85 -12.19 15.84
C LEU A 396 4.40 -11.98 14.42
N ASN A 397 3.64 -11.28 13.58
CA ASN A 397 4.09 -11.04 12.21
C ASN A 397 5.34 -10.16 12.16
N ALA A 398 5.48 -9.27 13.14
CA ALA A 398 6.64 -8.37 13.19
C ALA A 398 7.95 -9.14 13.38
N ARG A 399 7.90 -10.22 14.16
CA ARG A 399 9.05 -11.09 14.39
C ARG A 399 8.50 -12.51 14.45
N PRO A 400 8.28 -13.12 13.27
CA PRO A 400 7.75 -14.48 13.08
C PRO A 400 8.41 -15.61 13.85
N GLN A 401 9.69 -15.46 14.16
CA GLN A 401 10.40 -16.50 14.89
C GLN A 401 10.84 -16.01 16.27
N GLY A 402 10.18 -14.95 16.73
CA GLY A 402 10.49 -14.40 18.04
C GLY A 402 11.75 -13.55 18.13
N VAL A 403 12.12 -13.21 19.36
CA VAL A 403 13.30 -12.40 19.60
C VAL A 403 14.56 -13.26 19.66
N ASN A 404 15.69 -12.66 19.29
CA ASN A 404 16.97 -13.35 19.33
C ASN A 404 17.75 -12.74 20.50
N ASN A 405 18.05 -13.56 21.51
CA ASN A 405 18.79 -13.08 22.66
C ASN A 405 20.28 -13.02 22.39
N ASN A 406 20.69 -13.52 21.22
CA ASN A 406 22.09 -13.53 20.85
C ASN A 406 22.42 -12.47 19.81
N GLY A 407 21.44 -11.65 19.47
CA GLY A 407 21.65 -10.60 18.48
C GLY A 407 20.38 -10.24 17.75
N PRO A 408 20.48 -9.75 16.50
CA PRO A 408 19.28 -9.38 15.76
C PRO A 408 18.50 -10.61 15.31
N PRO A 409 17.18 -10.49 15.15
CA PRO A 409 16.38 -11.65 14.73
C PRO A 409 16.65 -11.93 13.24
N LYS A 410 16.65 -13.21 12.86
CA LYS A 410 16.91 -13.53 11.46
C LYS A 410 15.77 -12.97 10.61
N LEU A 411 14.58 -12.89 11.22
CA LEU A 411 13.42 -12.37 10.53
C LEU A 411 12.71 -11.28 11.34
N SER A 412 12.50 -10.13 10.72
CA SER A 412 11.80 -9.04 11.39
C SER A 412 11.31 -8.04 10.37
N MET A 413 10.13 -7.50 10.61
CA MET A 413 9.58 -6.49 9.72
C MET A 413 10.34 -5.19 9.98
N PHE A 414 10.38 -4.33 8.97
CA PHE A 414 11.09 -3.07 9.08
C PHE A 414 10.33 -2.00 9.88
N GLY A 415 9.05 -2.24 10.09
CA GLY A 415 8.23 -1.31 10.83
C GLY A 415 6.75 -1.63 10.67
N VAL A 416 5.93 -1.08 11.56
CA VAL A 416 4.50 -1.30 11.50
C VAL A 416 3.80 0.04 11.73
N THR A 417 2.80 0.31 10.91
CA THR A 417 2.05 1.55 11.02
C THR A 417 0.63 1.20 11.44
N TYR A 418 0.20 1.76 12.56
CA TYR A 418 -1.12 1.50 13.13
C TYR A 418 -2.21 2.43 12.62
N LEU A 419 -3.30 1.83 12.15
CA LEU A 419 -4.46 2.56 11.66
C LEU A 419 -5.49 2.49 12.79
N ARG A 420 -5.88 3.62 13.39
CA ARG A 420 -5.44 4.97 13.04
C ARG A 420 -5.62 5.80 14.32
N LEU A 421 -4.97 6.95 14.40
CA LEU A 421 -5.14 7.80 15.58
C LEU A 421 -6.59 8.26 15.65
N SER A 422 -7.22 8.06 16.80
CA SER A 422 -8.61 8.44 17.01
C SER A 422 -8.85 8.66 18.51
N ASP A 423 -10.00 9.22 18.86
CA ASP A 423 -10.30 9.45 20.26
C ASP A 423 -10.40 8.13 21.00
N ASP A 424 -10.94 7.11 20.31
CA ASP A 424 -11.07 5.79 20.90
C ASP A 424 -9.73 5.21 21.31
N LEU A 425 -8.71 5.37 20.46
CA LEU A 425 -7.39 4.85 20.77
C LEU A 425 -6.84 5.43 22.07
N LEU A 426 -7.10 6.71 22.30
CA LEU A 426 -6.59 7.39 23.48
C LEU A 426 -7.36 7.16 24.79
N GLN A 427 -8.43 6.38 24.75
CA GLN A 427 -9.17 6.11 25.98
C GLN A 427 -8.30 5.27 26.91
N LYS A 428 -8.47 5.47 28.22
CA LYS A 428 -7.67 4.77 29.23
C LYS A 428 -7.28 3.33 28.92
N SER A 429 -8.25 2.42 28.91
CA SER A 429 -7.97 1.01 28.65
C SER A 429 -7.35 0.77 27.29
N ASN A 430 -7.98 1.29 26.24
CA ASN A 430 -7.46 1.10 24.89
C ASN A 430 -6.01 1.57 24.79
N PHE A 431 -5.74 2.77 25.28
CA PHE A 431 -4.39 3.31 25.21
C PHE A 431 -3.39 2.54 26.07
N ASN A 432 -3.84 2.02 27.21
CA ASN A 432 -2.92 1.25 28.04
C ASN A 432 -2.51 -0.04 27.35
N ILE A 433 -3.43 -0.65 26.59
CA ILE A 433 -3.11 -1.87 25.88
C ILE A 433 -2.18 -1.50 24.72
N PHE A 434 -2.45 -0.37 24.09
CA PHE A 434 -1.62 0.10 22.98
C PHE A 434 -0.19 0.34 23.45
N LYS A 435 -0.03 0.90 24.66
CA LYS A 435 1.30 1.15 25.19
C LYS A 435 2.06 -0.17 25.35
N LYS A 436 1.34 -1.22 25.74
CA LYS A 436 1.98 -2.53 25.90
C LYS A 436 2.39 -3.04 24.53
N PHE A 437 1.56 -2.78 23.53
CA PHE A 437 1.84 -3.19 22.16
C PHE A 437 3.15 -2.53 21.73
N VAL A 438 3.26 -1.23 21.95
CA VAL A 438 4.47 -0.49 21.58
C VAL A 438 5.69 -1.08 22.30
N LEU A 439 5.54 -1.34 23.59
CA LEU A 439 6.64 -1.90 24.39
C LEU A 439 7.12 -3.24 23.83
N LYS A 440 6.18 -4.12 23.49
CA LYS A 440 6.55 -5.43 22.96
C LYS A 440 7.14 -5.34 21.57
N MET A 441 6.63 -4.42 20.75
CA MET A 441 7.18 -4.23 19.41
C MET A 441 8.63 -3.79 19.58
N HIS A 442 8.88 -3.03 20.65
CA HIS A 442 10.21 -2.53 20.96
C HIS A 442 11.05 -3.54 21.75
N ALA A 443 10.57 -4.79 21.79
CA ALA A 443 11.27 -5.87 22.48
C ALA A 443 11.55 -5.53 23.94
N ASP A 444 10.55 -4.96 24.61
CA ASP A 444 10.65 -4.57 26.03
C ASP A 444 11.61 -3.42 26.32
N GLN A 445 12.16 -2.81 25.28
CA GLN A 445 13.09 -1.71 25.47
C GLN A 445 12.35 -0.38 25.46
N ASP A 446 12.92 0.62 26.12
CA ASP A 446 12.30 1.94 26.14
C ASP A 446 12.43 2.51 24.73
N TYR A 447 11.61 3.52 24.45
CA TYR A 447 11.64 4.18 23.15
C TYR A 447 13.08 4.58 22.83
N CYS A 448 13.50 4.30 21.60
CA CYS A 448 14.85 4.61 21.16
C CYS A 448 14.83 5.69 20.07
N ALA A 449 15.21 6.90 20.46
CA ALA A 449 15.20 8.05 19.55
C ALA A 449 16.12 7.96 18.34
N ASN A 450 17.30 7.38 18.51
CA ASN A 450 18.25 7.24 17.42
C ASN A 450 18.14 5.87 16.77
N PRO A 451 17.53 5.80 15.57
CA PRO A 451 17.35 4.55 14.85
C PRO A 451 18.65 3.80 14.55
N GLN A 452 19.75 4.52 14.52
CA GLN A 452 21.04 3.89 14.25
C GLN A 452 21.30 2.80 15.29
N LYS A 453 20.84 3.01 16.51
CA LYS A 453 21.05 2.03 17.57
C LYS A 453 20.46 0.66 17.29
N TYR A 454 19.33 0.61 16.57
CA TYR A 454 18.74 -0.68 16.24
C TYR A 454 18.87 -1.02 14.76
N ASN A 455 19.98 -0.53 14.19
CA ASN A 455 20.34 -0.77 12.80
C ASN A 455 19.32 -0.30 11.77
N HIS A 456 18.78 0.90 12.00
CA HIS A 456 17.81 1.52 11.09
C HIS A 456 18.31 2.91 10.69
N ALA A 457 19.62 3.02 10.50
CA ALA A 457 20.20 4.29 10.09
C ALA A 457 19.76 4.57 8.66
N ILE A 458 19.46 5.82 8.36
CA ILE A 458 19.04 6.16 7.01
C ILE A 458 20.15 6.92 6.29
N THR A 459 20.52 6.39 5.13
CA THR A 459 21.57 7.00 4.34
C THR A 459 20.92 7.65 3.12
N PRO A 460 21.68 8.50 2.40
CA PRO A 460 21.13 9.18 1.22
C PRO A 460 20.57 8.20 0.20
N LEU A 461 19.39 8.50 -0.34
CA LEU A 461 18.77 7.65 -1.34
C LEU A 461 19.67 7.61 -2.58
N LYS A 462 20.06 6.42 -3.00
CA LYS A 462 20.91 6.25 -4.15
C LYS A 462 20.08 6.05 -5.41
N PRO A 463 20.67 6.24 -6.60
CA PRO A 463 19.88 6.04 -7.82
C PRO A 463 19.44 4.59 -7.88
N SER A 464 18.30 4.33 -8.53
CA SER A 464 17.82 2.98 -8.65
C SER A 464 18.74 2.16 -9.54
N ALA A 465 18.84 0.87 -9.26
CA ALA A 465 19.67 -0.04 -10.04
C ALA A 465 19.06 -0.18 -11.43
N PRO A 466 19.82 -0.77 -12.38
CA PRO A 466 19.33 -0.96 -13.74
C PRO A 466 17.98 -1.67 -13.82
N LYS A 467 17.23 -1.35 -14.86
CA LYS A 467 15.91 -1.94 -15.07
C LYS A 467 16.01 -3.45 -15.17
N ILE A 468 15.03 -4.14 -14.59
CA ILE A 468 14.97 -5.59 -14.62
C ILE A 468 13.90 -5.96 -15.63
N PRO A 469 14.28 -6.71 -16.69
CA PRO A 469 13.30 -7.10 -17.71
C PRO A 469 12.13 -7.89 -17.11
N ILE A 470 10.96 -7.74 -17.71
CA ILE A 470 9.76 -8.43 -17.22
C ILE A 470 9.94 -9.93 -17.06
N GLU A 471 10.68 -10.56 -17.97
CA GLU A 471 10.91 -11.99 -17.89
C GLU A 471 11.63 -12.38 -16.61
N VAL A 472 12.58 -11.54 -16.19
CA VAL A 472 13.32 -11.82 -14.97
C VAL A 472 12.44 -11.56 -13.74
N LEU A 473 11.59 -10.54 -13.82
CA LEU A 473 10.69 -10.26 -12.72
C LEU A 473 9.76 -11.44 -12.52
N LEU A 474 9.26 -11.98 -13.63
CA LEU A 474 8.32 -13.11 -13.56
C LEU A 474 8.96 -14.44 -13.18
N GLU A 475 10.30 -14.50 -13.13
CA GLU A 475 10.95 -15.72 -12.71
C GLU A 475 10.60 -15.90 -11.24
N ALA A 476 10.26 -14.80 -10.59
CA ALA A 476 9.89 -14.81 -9.18
C ALA A 476 8.49 -15.39 -8.94
N THR A 477 7.81 -15.80 -10.01
CA THR A 477 6.49 -16.40 -9.85
C THR A 477 6.68 -17.85 -9.40
N LYS A 478 7.91 -18.35 -9.49
CA LYS A 478 8.19 -19.72 -9.07
C LYS A 478 7.81 -19.86 -7.60
N PRO A 479 6.91 -20.81 -7.29
CA PRO A 479 6.47 -21.02 -5.91
C PRO A 479 7.65 -21.37 -4.98
N THR A 480 7.61 -20.83 -3.78
CA THR A 480 8.64 -21.09 -2.79
C THR A 480 7.94 -21.36 -1.46
N LEU A 481 8.63 -22.09 -0.58
CA LEU A 481 8.08 -22.38 0.74
C LEU A 481 8.25 -21.13 1.59
N PRO A 482 7.23 -20.78 2.38
CA PRO A 482 7.34 -19.59 3.23
C PRO A 482 8.26 -19.89 4.40
N PHE A 483 8.76 -18.84 5.06
CA PHE A 483 9.60 -19.05 6.22
C PHE A 483 8.66 -19.56 7.32
N PRO A 484 9.17 -20.42 8.22
CA PRO A 484 8.33 -20.94 9.29
C PRO A 484 7.89 -19.84 10.27
N TRP A 485 6.63 -19.91 10.70
CA TRP A 485 6.04 -18.95 11.62
C TRP A 485 5.77 -19.63 12.97
N LEU A 486 5.99 -18.91 14.06
CA LEU A 486 5.68 -19.46 15.38
C LEU A 486 4.15 -19.43 15.46
N PRO A 487 3.56 -20.30 16.31
CA PRO A 487 2.09 -20.31 16.44
C PRO A 487 1.57 -19.11 17.21
N GLU A 488 2.42 -18.54 18.05
CA GLU A 488 2.09 -17.38 18.86
C GLU A 488 3.38 -16.64 19.15
N THR A 489 3.30 -15.33 19.38
CA THR A 489 4.50 -14.56 19.67
C THR A 489 5.05 -14.88 21.06
N ASP A 490 6.34 -14.62 21.23
CA ASP A 490 7.02 -14.85 22.50
C ASP A 490 7.01 -13.55 23.31
N MET A 491 6.37 -12.52 22.74
CA MET A 491 6.28 -11.21 23.38
C MET A 491 4.84 -10.69 23.39
N LYS A 492 3.95 -11.42 24.05
CA LYS A 492 2.54 -11.03 24.14
C LYS A 492 2.40 -9.79 25.01
N VAL A 493 1.40 -8.96 24.70
CA VAL A 493 1.18 -7.73 25.45
C VAL A 493 0.90 -7.99 26.92
N ASP A 494 0.35 -9.15 27.23
CA ASP A 494 0.05 -9.51 28.61
C ASP A 494 1.16 -10.39 29.18
N GLY A 495 0.78 -11.42 29.92
CA GLY A 495 1.75 -12.32 30.51
C GLY A 495 2.70 -12.95 29.52
#